data_3QR2
#
_entry.id   3QR2
#
_cell.length_a   80.257
_cell.length_b   80.257
_cell.length_c   160.674
_cell.angle_alpha   90.00
_cell.angle_beta   90.00
_cell.angle_gamma   120.00
#
_symmetry.space_group_name_H-M   'P 65 2 2'
#
loop_
_entity.id
_entity.type
_entity.pdbx_description
1 polymer Basigin
2 water water
#
_entity_poly.entity_id   1
_entity_poly.type   'polypeptide(L)'
_entity_poly.pdbx_seq_one_letter_code
;MGSSHHHHHHSSGLVPRGSHMAGFVQAPLSQQRWVGGSVELHCEAVGSPVPEIQWWFEGQGPNDICSQLWDGARLDRVHI
HATYHQHAASTISIDTLVEEDTGTYECRASNDPDRNHLTRAPRVKWVRAQAVVLVLE
;
_entity_poly.pdbx_strand_id   A,B
#
# COMPACT_ATOMS: atom_id res chain seq x y z
N MET A 21 13.99 4.74 -6.74
CA MET A 21 12.61 4.45 -6.36
C MET A 21 12.47 3.00 -5.92
N ALA A 22 11.59 2.77 -4.96
CA ALA A 22 11.25 1.43 -4.52
C ALA A 22 9.87 1.01 -5.03
N GLY A 23 9.74 -0.25 -5.38
CA GLY A 23 8.45 -0.78 -5.83
C GLY A 23 8.16 -2.19 -5.34
N PHE A 24 6.88 -2.43 -5.02
CA PHE A 24 6.40 -3.72 -4.53
C PHE A 24 6.21 -4.77 -5.62
N VAL A 25 6.79 -5.95 -5.36
CA VAL A 25 6.53 -7.10 -6.19
C VAL A 25 5.77 -8.19 -5.42
N GLN A 26 5.57 -7.97 -4.12
CA GLN A 26 4.61 -8.76 -3.37
C GLN A 26 4.10 -7.99 -2.17
N ALA A 27 2.78 -7.87 -2.07
CA ALA A 27 2.15 -7.15 -0.99
C ALA A 27 1.65 -8.16 0.03
N PRO A 28 1.53 -7.75 1.30
CA PRO A 28 1.01 -8.68 2.31
C PRO A 28 -0.48 -8.93 2.06
N LEU A 29 -1.01 -10.02 2.62
CA LEU A 29 -2.38 -10.43 2.30
C LEU A 29 -3.31 -10.37 3.49
N SER A 30 -4.44 -9.72 3.30
CA SER A 30 -5.46 -9.66 4.35
C SER A 30 -5.96 -11.06 4.67
N GLN A 31 -6.26 -11.31 5.93
CA GLN A 31 -6.73 -12.62 6.30
C GLN A 31 -7.38 -12.67 7.67
N GLN A 32 -8.14 -13.74 7.86
CA GLN A 32 -8.96 -14.02 9.02
C GLN A 32 -8.20 -15.03 9.87
N ARG A 33 -7.94 -14.72 11.13
CA ARG A 33 -7.23 -15.65 12.02
C ARG A 33 -7.94 -15.79 13.36
N TRP A 34 -7.49 -16.75 14.17
CA TRP A 34 -8.14 -17.11 15.42
C TRP A 34 -7.29 -16.79 16.64
N VAL A 35 -7.94 -16.37 17.72
CA VAL A 35 -7.26 -16.18 19.00
C VAL A 35 -6.48 -17.44 19.36
N GLY A 36 -5.23 -17.26 19.76
CA GLY A 36 -4.37 -18.38 20.11
C GLY A 36 -3.68 -18.99 18.91
N GLY A 37 -4.09 -18.59 17.72
CA GLY A 37 -3.46 -19.08 16.51
C GLY A 37 -2.23 -18.25 16.22
N SER A 38 -1.96 -17.99 14.95
CA SER A 38 -0.79 -17.22 14.55
C SER A 38 -0.99 -16.66 13.14
N VAL A 39 -0.19 -15.65 12.78
CA VAL A 39 -0.24 -15.10 11.44
C VAL A 39 1.15 -14.80 10.89
N GLU A 40 1.27 -14.92 9.59
CA GLU A 40 2.51 -14.61 8.92
C GLU A 40 2.21 -13.74 7.70
N LEU A 41 2.81 -12.56 7.64
CA LEU A 41 2.61 -11.66 6.51
C LEU A 41 3.92 -11.49 5.72
N HIS A 42 3.82 -11.46 4.39
CA HIS A 42 5.02 -11.37 3.57
C HIS A 42 5.00 -10.18 2.63
N CYS A 43 6.17 -9.61 2.39
CA CYS A 43 6.31 -8.41 1.59
C CYS A 43 7.64 -8.43 0.81
N GLU A 44 7.60 -8.06 -0.46
CA GLU A 44 8.82 -8.03 -1.26
C GLU A 44 8.90 -6.77 -2.11
N ALA A 45 10.10 -6.25 -2.28
CA ALA A 45 10.29 -5.01 -3.06
C ALA A 45 11.59 -5.02 -3.83
N VAL A 46 11.59 -4.29 -4.95
CA VAL A 46 12.76 -4.13 -5.81
C VAL A 46 13.15 -2.66 -5.96
N GLY A 47 14.39 -2.44 -6.40
CA GLY A 47 14.97 -1.12 -6.56
C GLY A 47 16.48 -1.24 -6.69
N SER A 48 17.12 -0.13 -7.03
CA SER A 48 18.57 -0.01 -6.95
C SER A 48 18.91 1.37 -6.39
N PRO A 49 19.59 1.38 -5.23
CA PRO A 49 20.00 0.19 -4.46
C PRO A 49 18.81 -0.67 -3.97
N VAL A 50 19.11 -1.79 -3.34
CA VAL A 50 18.07 -2.65 -2.77
C VAL A 50 17.42 -1.88 -1.62
N PRO A 51 16.09 -1.73 -1.66
CA PRO A 51 15.33 -0.92 -0.71
C PRO A 51 15.27 -1.55 0.69
N GLU A 52 15.00 -0.72 1.70
CA GLU A 52 14.71 -1.19 3.03
C GLU A 52 13.20 -1.38 3.23
N ILE A 53 12.84 -2.39 4.02
CA ILE A 53 11.46 -2.62 4.40
C ILE A 53 11.29 -2.48 5.91
N GLN A 54 10.21 -1.82 6.29
CA GLN A 54 9.80 -1.74 7.68
C GLN A 54 8.38 -2.27 7.73
N TRP A 55 7.90 -2.59 8.92
CA TRP A 55 6.50 -2.95 9.07
C TRP A 55 5.82 -2.01 10.07
N TRP A 56 4.64 -1.52 9.71
CA TRP A 56 3.88 -0.58 10.55
C TRP A 56 2.48 -1.12 10.82
N PHE A 57 1.83 -0.61 11.85
CA PHE A 57 0.58 -1.17 12.32
C PHE A 57 -0.33 -0.14 12.98
N GLU A 58 -1.63 -0.35 12.85
CA GLU A 58 -2.62 0.55 13.43
C GLU A 58 -3.83 -0.28 13.84
N GLY A 59 -4.10 -0.34 15.15
CA GLY A 59 -5.27 -1.05 15.63
C GLY A 59 -6.60 -0.42 15.20
N GLN A 60 -7.70 -0.98 15.67
CA GLN A 60 -9.03 -0.48 15.33
C GLN A 60 -9.53 0.57 16.34
N GLY A 61 -10.57 1.31 15.96
CA GLY A 61 -11.12 2.33 16.84
C GLY A 61 -10.29 3.60 16.87
N PRO A 62 -10.84 4.70 16.33
CA PRO A 62 -10.24 6.01 16.03
C PRO A 62 -9.39 6.63 17.14
N ASN A 63 -8.82 5.78 18.01
CA ASN A 63 -7.87 6.26 18.99
C ASN A 63 -6.47 5.66 18.74
N ASP A 64 -6.41 4.68 17.85
CA ASP A 64 -5.15 4.02 17.49
C ASP A 64 -4.47 4.75 16.34
N ILE A 65 -3.13 4.83 16.39
CA ILE A 65 -2.40 5.47 15.29
C ILE A 65 -1.33 4.57 14.64
N CYS A 66 -0.90 4.96 13.45
CA CYS A 66 0.06 4.17 12.71
C CYS A 66 1.48 4.38 13.25
N SER A 67 2.00 3.34 13.91
CA SER A 67 3.37 3.40 14.43
C SER A 67 4.18 2.19 13.97
N GLN A 68 5.49 2.23 14.16
CA GLN A 68 6.34 1.18 13.60
C GLN A 68 6.39 -0.06 14.48
N LEU A 69 6.37 -1.24 13.85
CA LEU A 69 6.60 -2.45 14.63
C LEU A 69 8.09 -2.78 14.65
N TRP A 70 8.51 -3.56 15.62
CA TRP A 70 9.90 -3.93 15.75
C TRP A 70 9.99 -5.41 16.10
N ASP A 71 11.08 -6.03 15.68
CA ASP A 71 11.39 -7.41 16.01
C ASP A 71 11.41 -7.53 17.54
N GLY A 72 10.57 -8.41 18.06
CA GLY A 72 10.43 -8.58 19.50
C GLY A 72 9.24 -7.86 20.12
N ALA A 73 8.44 -7.16 19.32
CA ALA A 73 7.31 -6.41 19.89
C ALA A 73 6.22 -7.29 20.54
N ARG A 74 5.33 -6.64 21.27
CA ARG A 74 4.20 -7.31 21.93
C ARG A 74 4.64 -8.50 22.77
N LEU A 75 5.59 -8.27 23.68
CA LEU A 75 6.05 -9.29 24.62
C LEU A 75 6.79 -10.42 23.91
N ASP A 76 7.47 -10.08 22.82
CA ASP A 76 8.28 -11.02 22.04
C ASP A 76 7.45 -12.05 21.26
N ARG A 77 6.23 -11.66 20.89
CA ARG A 77 5.40 -12.48 20.03
C ARG A 77 5.51 -12.01 18.57
N VAL A 78 6.01 -10.79 18.37
CA VAL A 78 6.24 -10.31 17.01
C VAL A 78 7.67 -10.58 16.57
N HIS A 79 7.80 -11.24 15.41
CA HIS A 79 9.12 -11.45 14.82
C HIS A 79 9.20 -10.95 13.38
N ILE A 80 10.28 -10.23 13.06
CA ILE A 80 10.52 -9.74 11.71
C ILE A 80 11.87 -10.20 11.18
N HIS A 81 11.83 -10.94 10.07
CA HIS A 81 13.02 -11.44 9.40
C HIS A 81 13.12 -10.86 7.99
N ALA A 82 14.30 -10.33 7.64
CA ALA A 82 14.50 -9.72 6.36
C ALA A 82 15.80 -10.15 5.70
N THR A 83 15.78 -10.23 4.36
CA THR A 83 16.97 -10.41 3.55
C THR A 83 16.99 -9.36 2.42
N TYR A 84 18.20 -8.99 2.00
CA TYR A 84 18.40 -7.99 0.97
C TYR A 84 19.50 -8.45 0.01
N HIS A 85 19.26 -9.57 -0.65
CA HIS A 85 20.13 -10.04 -1.71
C HIS A 85 19.41 -9.79 -3.03
N GLN A 86 19.90 -8.83 -3.80
CA GLN A 86 19.32 -8.52 -5.11
C GLN A 86 17.91 -7.88 -5.04
N HIS A 87 17.18 -8.17 -3.97
CA HIS A 87 15.88 -7.52 -3.73
C HIS A 87 15.50 -7.64 -2.27
N ALA A 88 14.47 -6.92 -1.84
CA ALA A 88 14.04 -6.92 -0.44
C ALA A 88 12.93 -7.93 -0.18
N ALA A 89 13.15 -8.78 0.83
CA ALA A 89 12.13 -9.74 1.27
C ALA A 89 11.98 -9.61 2.77
N SER A 90 10.74 -9.58 3.24
CA SER A 90 10.49 -9.40 4.67
C SER A 90 9.24 -10.14 5.15
N THR A 91 9.41 -10.90 6.22
CA THR A 91 8.33 -11.67 6.79
C THR A 91 8.13 -11.25 8.22
N ILE A 92 6.90 -10.88 8.54
CA ILE A 92 6.52 -10.57 9.90
C ILE A 92 5.63 -11.71 10.42
N SER A 93 6.01 -12.28 11.57
CA SER A 93 5.29 -13.38 12.21
C SER A 93 4.83 -12.99 13.61
N ILE A 94 3.64 -13.44 13.99
CA ILE A 94 3.11 -13.12 15.30
C ILE A 94 2.62 -14.39 16.00
N ASP A 95 3.16 -14.68 17.18
CA ASP A 95 2.75 -15.87 17.95
C ASP A 95 1.46 -15.64 18.75
N THR A 96 0.79 -16.74 19.08
CA THR A 96 -0.28 -16.73 20.09
C THR A 96 -1.14 -15.46 20.04
N LEU A 97 -1.93 -15.35 18.97
CA LEU A 97 -2.70 -14.13 18.69
C LEU A 97 -3.73 -13.78 19.78
N VAL A 98 -3.96 -12.50 19.95
CA VAL A 98 -5.02 -12.00 20.82
C VAL A 98 -5.82 -10.99 20.01
N GLU A 99 -7.08 -10.79 20.37
CA GLU A 99 -7.95 -9.92 19.60
C GLU A 99 -7.30 -8.60 19.23
N GLU A 100 -6.56 -8.00 20.15
CA GLU A 100 -5.93 -6.70 19.88
C GLU A 100 -4.79 -6.74 18.84
N ASP A 101 -4.44 -7.93 18.34
CA ASP A 101 -3.54 -8.01 17.20
C ASP A 101 -4.30 -7.57 15.97
N THR A 102 -5.63 -7.41 16.12
CA THR A 102 -6.49 -7.00 15.02
C THR A 102 -6.10 -5.61 14.54
N GLY A 103 -5.89 -5.48 13.24
CA GLY A 103 -5.72 -4.17 12.66
C GLY A 103 -5.12 -4.22 11.28
N THR A 104 -4.55 -3.08 10.89
CA THR A 104 -3.98 -2.97 9.55
C THR A 104 -2.49 -3.02 9.69
N TYR A 105 -1.86 -3.86 8.87
CA TYR A 105 -0.40 -4.00 8.85
C TYR A 105 0.17 -3.41 7.57
N GLU A 106 1.19 -2.58 7.71
CA GLU A 106 1.67 -1.82 6.57
C GLU A 106 3.15 -2.06 6.32
N CYS A 107 3.44 -2.62 5.16
CA CYS A 107 4.82 -2.75 4.71
C CYS A 107 5.23 -1.45 4.03
N ARG A 108 6.42 -0.97 4.33
CA ARG A 108 6.93 0.24 3.72
C ARG A 108 8.32 0.02 3.19
N ALA A 109 8.59 0.52 1.99
CA ALA A 109 9.90 0.30 1.38
C ALA A 109 10.47 1.60 0.85
N SER A 110 11.80 1.67 0.83
CA SER A 110 12.47 2.87 0.40
C SER A 110 13.95 2.61 0.27
N ASN A 111 14.55 3.14 -0.80
CA ASN A 111 15.99 3.12 -0.95
C ASN A 111 16.54 4.52 -0.94
N ASP A 112 15.73 5.47 -0.46
CA ASP A 112 16.15 6.86 -0.29
C ASP A 112 17.26 6.96 0.76
N PRO A 113 18.42 7.49 0.37
CA PRO A 113 19.59 7.58 1.25
C PRO A 113 19.32 8.30 2.57
N ASP A 114 18.28 9.13 2.61
CA ASP A 114 18.00 9.94 3.78
C ASP A 114 16.83 9.42 4.64
N ARG A 115 16.19 8.34 4.19
CA ARG A 115 15.01 7.80 4.88
C ARG A 115 15.22 7.64 6.39
N ASN A 116 16.40 7.20 6.79
CA ASN A 116 16.77 7.12 8.20
C ASN A 116 17.41 8.41 8.75
N HIS A 117 18.31 8.27 9.73
CA HIS A 117 18.71 9.39 10.60
C HIS A 117 17.61 10.41 10.95
N LEU A 118 17.86 11.69 10.64
CA LEU A 118 17.10 12.78 11.23
C LEU A 118 16.82 13.93 10.26
N THR A 119 17.86 14.30 9.52
CA THR A 119 17.87 15.42 8.57
C THR A 119 16.68 16.39 8.58
N ARG A 120 17.00 17.68 8.44
CA ARG A 120 15.98 18.69 8.18
C ARG A 120 15.33 18.40 6.83
N ALA A 121 15.54 17.17 6.35
CA ALA A 121 15.02 16.71 5.08
C ALA A 121 13.51 16.74 5.07
N PRO A 122 12.93 17.38 4.03
CA PRO A 122 11.49 17.26 3.80
C PRO A 122 11.18 15.81 3.41
N ARG A 123 11.42 15.47 2.15
CA ARG A 123 11.17 14.14 1.57
C ARG A 123 10.69 13.07 2.54
N VAL A 124 11.42 11.97 2.62
CA VAL A 124 11.17 10.95 3.63
C VAL A 124 9.88 10.12 3.39
N LYS A 125 9.51 9.93 2.12
CA LYS A 125 8.29 9.18 1.77
C LYS A 125 8.56 7.74 1.33
N TRP A 126 7.98 6.79 2.06
CA TRP A 126 8.11 5.39 1.70
C TRP A 126 6.87 4.92 0.94
N VAL A 127 7.04 4.00 -0.01
CA VAL A 127 5.88 3.31 -0.56
C VAL A 127 5.30 2.35 0.46
N ARG A 128 3.97 2.34 0.53
CA ARG A 128 3.24 1.58 1.54
C ARG A 128 2.33 0.56 0.87
N ALA A 129 2.19 -0.59 1.52
CA ALA A 129 1.27 -1.64 1.08
C ALA A 129 0.64 -2.34 2.30
N GLN A 130 -0.68 -2.24 2.43
CA GLN A 130 -1.41 -2.67 3.63
C GLN A 130 -2.12 -4.02 3.50
N ALA A 131 -2.12 -4.75 4.60
CA ALA A 131 -3.00 -5.90 4.72
C ALA A 131 -3.77 -5.73 6.02
N VAL A 132 -5.00 -6.23 6.03
CA VAL A 132 -5.81 -6.18 7.24
C VAL A 132 -5.82 -7.57 7.87
N VAL A 133 -5.53 -7.64 9.15
CA VAL A 133 -5.67 -8.92 9.85
C VAL A 133 -6.73 -8.84 10.94
N LEU A 134 -7.71 -9.73 10.84
CA LEU A 134 -8.85 -9.74 11.75
C LEU A 134 -8.74 -10.97 12.64
N VAL A 135 -8.58 -10.76 13.94
CA VAL A 135 -8.46 -11.89 14.87
C VAL A 135 -9.76 -12.12 15.64
N LEU A 136 -10.37 -13.29 15.40
CA LEU A 136 -11.61 -13.67 16.05
C LEU A 136 -11.42 -14.77 17.09
N GLU A 137 -12.14 -14.68 18.20
CA GLU A 137 -12.29 -15.82 19.10
C GLU A 137 -12.88 -17.00 18.30
N ALA B 22 -11.09 -7.88 2.22
CA ALA B 22 -10.39 -7.14 1.18
C ALA B 22 -8.88 -6.98 1.41
N GLY B 23 -8.11 -7.55 0.50
CA GLY B 23 -6.66 -7.42 0.52
C GLY B 23 -6.12 -7.50 -0.90
N PHE B 24 -4.83 -7.21 -1.06
CA PHE B 24 -4.21 -7.24 -2.38
C PHE B 24 -3.56 -8.59 -2.68
N VAL B 25 -3.65 -9.00 -3.95
CA VAL B 25 -2.83 -10.09 -4.43
C VAL B 25 -1.89 -9.58 -5.53
N GLN B 26 -2.03 -8.31 -5.90
CA GLN B 26 -0.98 -7.63 -6.68
C GLN B 26 -1.04 -6.13 -6.49
N ALA B 27 0.08 -5.58 -6.04
CA ALA B 27 0.22 -4.16 -5.81
C ALA B 27 0.68 -3.55 -7.12
N PRO B 28 0.36 -2.26 -7.34
CA PRO B 28 0.90 -1.63 -8.54
C PRO B 28 2.41 -1.52 -8.38
N LEU B 29 3.14 -1.36 -9.49
CA LEU B 29 4.59 -1.35 -9.44
C LEU B 29 5.19 -0.01 -9.86
N SER B 30 6.07 0.54 -9.02
CA SER B 30 6.70 1.83 -9.33
C SER B 30 7.40 1.79 -10.68
N GLN B 31 7.35 2.91 -11.41
CA GLN B 31 7.93 2.98 -12.75
C GLN B 31 8.50 4.36 -13.11
N GLN B 32 9.62 4.37 -13.83
CA GLN B 32 10.21 5.60 -14.35
C GLN B 32 9.99 5.71 -15.87
N ARG B 33 9.50 6.86 -16.32
CA ARG B 33 9.25 7.08 -17.74
C ARG B 33 9.76 8.43 -18.23
N TRP B 34 9.67 8.63 -19.54
CA TRP B 34 10.09 9.88 -20.16
C TRP B 34 8.90 10.78 -20.45
N VAL B 35 9.11 12.09 -20.33
CA VAL B 35 8.11 13.07 -20.77
C VAL B 35 7.72 12.72 -22.20
N GLY B 36 6.42 12.68 -22.46
CA GLY B 36 5.91 12.38 -23.79
C GLY B 36 5.54 10.90 -23.95
N GLY B 37 5.93 10.09 -22.97
CA GLY B 37 5.66 8.67 -23.01
C GLY B 37 4.34 8.25 -22.38
N SER B 38 4.22 6.98 -22.06
CA SER B 38 3.01 6.47 -21.42
C SER B 38 3.35 5.55 -20.26
N VAL B 39 2.45 5.46 -19.29
CA VAL B 39 2.63 4.51 -18.22
C VAL B 39 1.32 3.80 -17.92
N GLU B 40 1.45 2.66 -17.27
CA GLU B 40 0.29 1.85 -16.94
C GLU B 40 0.56 1.10 -15.63
N LEU B 41 -0.35 1.25 -14.68
CA LEU B 41 -0.23 0.61 -13.39
C LEU B 41 -1.38 -0.35 -13.23
N HIS B 42 -1.11 -1.47 -12.57
CA HIS B 42 -2.15 -2.48 -12.39
C HIS B 42 -2.33 -2.88 -10.92
N CYS B 43 -3.55 -3.31 -10.59
CA CYS B 43 -3.90 -3.63 -9.22
C CYS B 43 -4.91 -4.80 -9.13
N GLU B 44 -4.56 -5.81 -8.34
CA GLU B 44 -5.46 -6.96 -8.12
C GLU B 44 -5.81 -7.10 -6.65
N ALA B 45 -7.10 -7.30 -6.37
CA ALA B 45 -7.56 -7.39 -4.98
C ALA B 45 -8.70 -8.40 -4.85
N VAL B 46 -8.80 -9.02 -3.66
CA VAL B 46 -9.81 -10.04 -3.42
C VAL B 46 -10.60 -9.77 -2.15
N GLY B 47 -11.66 -10.56 -1.96
CA GLY B 47 -12.58 -10.41 -0.86
C GLY B 47 -13.93 -10.91 -1.33
N SER B 48 -14.82 -11.17 -0.38
CA SER B 48 -16.21 -11.51 -0.67
C SER B 48 -17.11 -10.71 0.25
N PRO B 49 -17.96 -9.87 -0.34
CA PRO B 49 -18.08 -9.77 -1.81
C PRO B 49 -16.84 -9.18 -2.52
N VAL B 50 -16.84 -9.26 -3.85
CA VAL B 50 -15.72 -8.70 -4.62
C VAL B 50 -15.57 -7.23 -4.32
N PRO B 51 -14.38 -6.83 -3.88
CA PRO B 51 -14.13 -5.44 -3.48
C PRO B 51 -14.13 -4.48 -4.67
N GLU B 52 -14.49 -3.23 -4.42
CA GLU B 52 -14.32 -2.15 -5.38
C GLU B 52 -12.88 -1.62 -5.35
N ILE B 53 -12.35 -1.25 -6.52
CA ILE B 53 -11.05 -0.57 -6.61
C ILE B 53 -11.18 0.90 -7.02
N GLN B 54 -10.42 1.75 -6.33
CA GLN B 54 -10.27 3.16 -6.70
C GLN B 54 -8.79 3.50 -6.85
N TRP B 55 -8.46 4.49 -7.69
CA TRP B 55 -7.09 4.99 -7.73
C TRP B 55 -7.03 6.40 -7.14
N TRP B 56 -5.93 6.70 -6.44
CA TRP B 56 -5.73 7.99 -5.78
C TRP B 56 -4.32 8.44 -6.06
N PHE B 57 -4.06 9.74 -5.93
CA PHE B 57 -2.80 10.29 -6.38
C PHE B 57 -2.34 11.45 -5.51
N GLU B 58 -1.03 11.56 -5.32
CA GLU B 58 -0.45 12.70 -4.62
C GLU B 58 0.85 13.11 -5.32
N GLY B 59 0.92 14.35 -5.79
CA GLY B 59 2.11 14.86 -6.45
C GLY B 59 3.24 15.10 -5.45
N GLN B 60 4.41 15.51 -5.94
CA GLN B 60 5.54 15.79 -5.07
C GLN B 60 5.38 17.09 -4.27
N GLY B 61 6.32 17.39 -3.39
CA GLY B 61 6.30 18.66 -2.68
C GLY B 61 5.21 18.74 -1.61
N PRO B 62 5.54 19.36 -0.46
CA PRO B 62 4.74 19.37 0.78
C PRO B 62 3.31 19.90 0.61
N ASN B 63 3.06 20.53 -0.52
CA ASN B 63 1.79 21.23 -0.74
C ASN B 63 0.75 20.42 -1.52
N ASP B 64 0.92 19.11 -1.56
CA ASP B 64 -0.04 18.27 -2.29
C ASP B 64 -0.66 17.22 -1.38
N ILE B 65 -1.82 16.71 -1.78
CA ILE B 65 -2.55 15.73 -1.00
C ILE B 65 -3.01 14.62 -1.91
N CYS B 66 -3.43 13.49 -1.31
CA CYS B 66 -4.03 12.41 -2.08
C CYS B 66 -5.48 12.79 -2.36
N SER B 67 -5.82 12.78 -3.64
CA SER B 67 -7.18 12.90 -4.06
C SER B 67 -7.51 11.80 -5.06
N GLN B 68 -8.79 11.45 -5.14
CA GLN B 68 -9.23 10.43 -6.06
C GLN B 68 -8.99 10.83 -7.52
N LEU B 69 -8.43 9.91 -8.30
CA LEU B 69 -8.34 10.05 -9.74
C LEU B 69 -9.61 9.47 -10.36
N TRP B 70 -9.89 9.86 -11.59
CA TRP B 70 -11.10 9.39 -12.24
C TRP B 70 -10.82 9.16 -13.71
N ASP B 71 -11.67 8.35 -14.33
CA ASP B 71 -11.60 8.06 -15.76
C ASP B 71 -11.85 9.34 -16.58
N GLY B 72 -10.88 9.74 -17.38
CA GLY B 72 -10.97 10.99 -18.14
C GLY B 72 -10.19 12.15 -17.54
N ALA B 73 -9.56 11.92 -16.40
CA ALA B 73 -8.88 13.01 -15.69
C ALA B 73 -7.69 13.59 -16.45
N ARG B 74 -7.26 14.79 -16.06
CA ARG B 74 -6.12 15.46 -16.69
C ARG B 74 -6.30 15.62 -18.20
N LEU B 75 -7.44 16.19 -18.58
CA LEU B 75 -7.76 16.44 -19.98
C LEU B 75 -7.86 15.15 -20.80
N ASP B 76 -8.45 14.11 -20.23
CA ASP B 76 -8.59 12.81 -20.91
C ASP B 76 -7.24 12.16 -21.25
N ARG B 77 -6.22 12.40 -20.43
CA ARG B 77 -5.00 11.60 -20.52
C ARG B 77 -5.05 10.37 -19.58
N VAL B 78 -5.86 10.43 -18.53
CA VAL B 78 -6.01 9.34 -17.58
C VAL B 78 -7.24 8.48 -17.87
N HIS B 79 -7.01 7.20 -18.12
CA HIS B 79 -8.08 6.24 -18.34
C HIS B 79 -8.00 5.14 -17.30
N ILE B 80 -9.15 4.67 -16.84
CA ILE B 80 -9.21 3.64 -15.81
C ILE B 80 -10.21 2.55 -16.24
N HIS B 81 -9.71 1.33 -16.39
CA HIS B 81 -10.53 0.18 -16.76
C HIS B 81 -10.48 -0.83 -15.61
N ALA B 82 -11.63 -1.39 -15.22
CA ALA B 82 -11.70 -2.37 -14.13
C ALA B 82 -12.69 -3.50 -14.41
N THR B 83 -12.41 -4.70 -13.93
CA THR B 83 -13.38 -5.79 -13.96
C THR B 83 -13.55 -6.35 -12.56
N TYR B 84 -14.68 -7.01 -12.31
CA TYR B 84 -14.98 -7.57 -10.99
C TYR B 84 -15.68 -8.93 -11.01
N HIS B 85 -15.16 -9.85 -11.81
CA HIS B 85 -15.60 -11.25 -11.78
C HIS B 85 -14.60 -12.07 -10.96
N GLN B 86 -15.07 -12.60 -9.83
CA GLN B 86 -14.24 -13.33 -8.88
C GLN B 86 -13.19 -12.45 -8.18
N HIS B 87 -12.28 -11.87 -8.97
CA HIS B 87 -11.24 -11.01 -8.44
C HIS B 87 -11.46 -9.58 -8.93
N ALA B 88 -10.97 -8.60 -8.18
CA ALA B 88 -11.02 -7.20 -8.55
C ALA B 88 -9.74 -6.81 -9.30
N ALA B 89 -9.88 -6.37 -10.53
CA ALA B 89 -8.72 -6.11 -11.36
C ALA B 89 -8.93 -4.75 -11.98
N SER B 90 -7.94 -3.88 -11.81
CA SER B 90 -8.08 -2.52 -12.28
C SER B 90 -6.75 -2.04 -12.85
N THR B 91 -6.84 -1.27 -13.92
CA THR B 91 -5.68 -0.76 -14.63
C THR B 91 -5.83 0.75 -14.84
N ILE B 92 -4.83 1.51 -14.45
CA ILE B 92 -4.82 2.92 -14.77
C ILE B 92 -3.78 3.19 -15.86
N SER B 93 -4.17 3.97 -16.87
CA SER B 93 -3.30 4.35 -17.98
C SER B 93 -3.20 5.87 -18.11
N ILE B 94 -2.02 6.35 -18.49
CA ILE B 94 -1.84 7.79 -18.66
C ILE B 94 -1.08 8.07 -19.96
N ASP B 95 -1.73 8.77 -20.89
CA ASP B 95 -1.07 9.09 -22.16
C ASP B 95 -0.12 10.30 -22.06
N THR B 96 0.76 10.46 -23.04
CA THR B 96 1.59 11.66 -23.18
C THR B 96 2.02 12.28 -21.85
N LEU B 97 2.85 11.56 -21.12
CA LEU B 97 3.25 11.93 -19.76
C LEU B 97 3.88 13.31 -19.69
N VAL B 98 3.58 14.05 -18.63
CA VAL B 98 4.30 15.30 -18.31
C VAL B 98 4.95 15.18 -16.94
N GLU B 99 5.89 16.08 -16.67
CA GLU B 99 6.60 16.09 -15.39
C GLU B 99 5.68 16.08 -14.16
N GLU B 100 4.60 16.85 -14.19
CA GLU B 100 3.73 16.91 -13.02
C GLU B 100 2.83 15.67 -12.87
N ASP B 101 2.98 14.71 -13.78
CA ASP B 101 2.39 13.38 -13.58
C ASP B 101 3.21 12.57 -12.56
N THR B 102 4.41 13.05 -12.24
CA THR B 102 5.27 12.42 -11.24
C THR B 102 4.57 12.38 -9.90
N GLY B 103 4.74 11.29 -9.19
CA GLY B 103 4.21 11.21 -7.84
C GLY B 103 3.75 9.83 -7.44
N THR B 104 3.01 9.78 -6.35
CA THR B 104 2.59 8.52 -5.78
C THR B 104 1.15 8.21 -6.22
N TYR B 105 0.99 7.06 -6.86
CA TYR B 105 -0.33 6.57 -7.22
C TYR B 105 -0.66 5.44 -6.27
N GLU B 106 -1.91 5.41 -5.87
CA GLU B 106 -2.35 4.49 -4.85
C GLU B 106 -3.65 3.81 -5.26
N CYS B 107 -3.62 2.49 -5.19
CA CYS B 107 -4.79 1.69 -5.42
C CYS B 107 -5.45 1.41 -4.08
N ARG B 108 -6.75 1.68 -3.99
CA ARG B 108 -7.53 1.46 -2.78
C ARG B 108 -8.64 0.45 -3.03
N ALA B 109 -8.83 -0.46 -2.08
CA ALA B 109 -9.82 -1.52 -2.23
C ALA B 109 -10.66 -1.70 -0.98
N SER B 110 -11.93 -2.03 -1.16
CA SER B 110 -12.85 -2.25 -0.06
C SER B 110 -14.14 -2.89 -0.54
N ASN B 111 -14.69 -3.81 0.25
CA ASN B 111 -16.02 -4.33 -0.02
C ASN B 111 -16.98 -4.00 1.14
N ASP B 112 -16.60 -3.00 1.92
CA ASP B 112 -17.45 -2.54 3.00
C ASP B 112 -18.70 -1.84 2.45
N PRO B 113 -19.89 -2.32 2.84
CA PRO B 113 -21.17 -1.87 2.28
C PRO B 113 -21.45 -0.37 2.44
N ASP B 114 -20.87 0.25 3.46
CA ASP B 114 -21.01 1.69 3.68
C ASP B 114 -19.95 2.48 2.94
N ARG B 115 -19.05 1.74 2.29
CA ARG B 115 -18.02 2.27 1.40
C ARG B 115 -18.32 3.65 0.86
N ASN B 116 -19.38 3.77 0.08
CA ASN B 116 -19.71 5.06 -0.51
C ASN B 116 -20.16 6.01 0.57
N HIS B 117 -19.19 6.41 1.40
CA HIS B 117 -19.39 7.23 2.61
C HIS B 117 -20.73 7.94 2.66
N LEU B 118 -21.76 7.14 2.91
CA LEU B 118 -23.14 7.57 2.77
C LEU B 118 -23.55 8.60 3.82
N THR B 119 -22.57 9.39 4.27
CA THR B 119 -22.72 10.28 5.42
C THR B 119 -22.75 9.46 6.69
N ARG B 120 -23.16 8.20 6.55
CA ARG B 120 -23.11 7.23 7.63
C ARG B 120 -21.67 7.23 8.16
N ALA B 121 -21.49 7.86 9.32
CA ALA B 121 -20.17 8.29 9.76
C ALA B 121 -19.46 7.43 10.82
N PRO B 122 -19.61 6.09 10.76
CA PRO B 122 -18.70 5.32 11.61
C PRO B 122 -17.26 5.40 11.10
N ARG B 123 -16.91 4.50 10.18
CA ARG B 123 -15.53 4.39 9.70
C ARG B 123 -15.36 4.99 8.31
N VAL B 124 -14.47 4.37 7.52
CA VAL B 124 -14.11 4.83 6.18
C VAL B 124 -12.90 4.09 5.56
N LYS B 125 -12.34 3.09 6.24
CA LYS B 125 -10.99 2.56 5.94
C LYS B 125 -10.82 1.62 4.73
N TRP B 126 -10.16 2.11 3.67
CA TRP B 126 -9.84 1.30 2.50
C TRP B 126 -8.43 0.75 2.60
N VAL B 127 -8.21 -0.49 2.15
CA VAL B 127 -6.86 -1.02 2.13
C VAL B 127 -6.07 -0.39 0.97
N ARG B 128 -4.81 -0.04 1.23
CA ARG B 128 -4.00 0.75 0.26
C ARG B 128 -2.66 0.11 -0.18
N ALA B 129 -2.34 0.25 -1.46
CA ALA B 129 -1.08 -0.24 -2.03
C ALA B 129 -0.50 0.78 -3.01
N GLN B 130 0.73 1.23 -2.78
CA GLN B 130 1.25 2.36 -3.51
C GLN B 130 2.34 2.01 -4.54
N ALA B 131 2.41 2.81 -5.59
CA ALA B 131 3.52 2.79 -6.53
C ALA B 131 3.87 4.22 -6.87
N VAL B 132 5.16 4.45 -7.08
CA VAL B 132 5.63 5.77 -7.46
C VAL B 132 5.89 5.79 -8.96
N VAL B 133 5.57 6.92 -9.58
CA VAL B 133 5.81 7.12 -11.01
C VAL B 133 6.67 8.37 -11.18
N LEU B 134 7.87 8.20 -11.72
CA LEU B 134 8.78 9.33 -11.94
C LEU B 134 8.89 9.61 -13.44
N VAL B 135 8.58 10.83 -13.85
CA VAL B 135 8.65 11.23 -15.25
C VAL B 135 9.81 12.21 -15.42
N LEU B 136 10.86 11.80 -16.15
CA LEU B 136 12.05 12.64 -16.32
C LEU B 136 12.08 13.27 -17.70
N GLU B 137 12.62 14.49 -17.81
CA GLU B 137 12.56 15.26 -19.05
C GLU B 137 13.03 14.46 -20.27
#